data_4Q0M
#
_entry.id   4Q0M
#
_cell.length_a   116.380
_cell.length_b   116.380
_cell.length_c   153.941
_cell.angle_alpha   90.00
_cell.angle_beta   90.00
_cell.angle_gamma   120.00
#
_symmetry.space_group_name_H-M   'H 3 2'
#
loop_
_entity.id
_entity.type
_entity.pdbx_description
1 polymer L-asparaginase
2 non-polymer 'PHOSPHATE ION'
3 non-polymer GLYCEROL
4 non-polymer '(4S)-2-METHYL-1,4,5,6-TETRAHYDROPYRIMIDINE-4-CARBOXYLIC ACID'
5 water water
#
_entity_poly.entity_id   1
_entity_poly.type   'polypeptide(L)'
_entity_poly.pdbx_seq_one_letter_code
;MMKILLIGMGGTIASVKGENGYEASLSVKEVLDIAGIKDCEDCDFLDLKNVDSTLIQPEDWVDLAETLYKNVKKYDGIIV
THGTDTLAYTSSMISFMLRNPPIPIVFTGSMIPATEENSDAPLNLQTAIKFATSGIRGVYVAFNGKVMLGVRTSKVRTMS
RDAFESINYPIIAELRGEDLVVNFIPKFNNGEVTLDLRHDPKVLVIKLIPGLSGDIFRAAVELGYRGIVIEGYGAGGIPY
RGSDLLQTIEELSKEIPIVMTTQAMYDGVDLTRYKVGRLALRAGVIPAGDMTKEATVTKLMWILGHTNNVEEIKVLMRKN
LVGELRD
;
_entity_poly.pdbx_strand_id   A
#
loop_
_chem_comp.id
_chem_comp.type
_chem_comp.name
_chem_comp.formula
4CS non-polymer '(4S)-2-METHYL-1,4,5,6-TETRAHYDROPYRIMIDINE-4-CARBOXYLIC ACID' 'C6 H10 N2 O2'
GOL non-polymer GLYCEROL 'C3 H8 O3'
PO4 non-polymer 'PHOSPHATE ION' 'O4 P -3'
#
# COMPACT_ATOMS: atom_id res chain seq x y z
N MET A 1 29.82 7.08 -9.33
CA MET A 1 29.04 5.86 -9.07
C MET A 1 27.52 6.12 -9.07
N MET A 2 26.79 5.41 -8.21
CA MET A 2 25.32 5.39 -8.21
C MET A 2 24.66 6.75 -7.98
N LYS A 3 23.64 7.06 -8.78
CA LYS A 3 22.89 8.31 -8.65
C LYS A 3 21.47 8.04 -8.16
N ILE A 4 21.07 8.62 -7.03
CA ILE A 4 19.72 8.43 -6.54
C ILE A 4 18.91 9.72 -6.43
N LEU A 5 17.59 9.59 -6.58
CA LEU A 5 16.67 10.72 -6.45
C LEU A 5 15.85 10.57 -5.18
N LEU A 6 15.70 11.65 -4.43
CA LEU A 6 14.83 11.65 -3.26
C LEU A 6 13.62 12.54 -3.50
N ILE A 7 12.44 11.95 -3.38
CA ILE A 7 11.18 12.65 -3.61
C ILE A 7 10.46 12.83 -2.28
N GLY A 8 10.14 14.08 -1.94
CA GLY A 8 9.43 14.35 -0.69
C GLY A 8 7.93 14.39 -0.89
N MET A 9 7.19 13.70 -0.02
CA MET A 9 5.73 13.79 -0.01
C MET A 9 5.21 14.40 1.30
N GLY A 10 6.09 14.55 2.29
CA GLY A 10 5.72 15.09 3.58
C GLY A 10 5.87 14.10 4.71
N GLY A 11 4.86 14.07 5.58
CA GLY A 11 4.81 13.09 6.65
C GLY A 11 5.45 13.55 7.95
N THR A 12 5.22 12.77 9.00
CA THR A 12 5.79 13.03 10.32
C THR A 12 7.27 13.30 10.23
N ILE A 13 7.96 12.57 9.35
CA ILE A 13 9.41 12.72 9.18
C ILE A 13 9.79 14.17 8.88
N ALA A 14 8.94 14.87 8.12
CA ALA A 14 9.17 16.26 7.75
C ALA A 14 8.33 17.23 8.58
N SER A 15 7.77 16.75 9.69
CA SER A 15 6.77 17.53 10.41
C SER A 15 7.34 18.44 11.50
N VAL A 16 6.54 19.41 11.93
CA VAL A 16 6.86 20.28 13.07
C VAL A 16 5.64 20.43 13.96
N LYS A 17 5.85 20.65 15.26
CA LYS A 17 4.72 20.83 16.17
C LYS A 17 4.23 22.26 16.16
N GLY A 18 3.37 22.58 15.20
CA GLY A 18 2.79 23.90 15.08
C GLY A 18 1.62 24.14 16.02
N GLU A 19 0.74 25.04 15.60
CA GLU A 19 -0.40 25.46 16.39
C GLU A 19 -1.38 24.33 16.76
N ASN A 20 -1.81 23.56 15.76
CA ASN A 20 -2.80 22.53 15.98
C ASN A 20 -2.19 21.13 16.07
N GLY A 21 -0.96 21.05 16.56
CA GLY A 21 -0.25 19.78 16.64
C GLY A 21 0.63 19.62 15.42
N TYR A 22 1.21 18.43 15.27
CA TYR A 22 2.12 18.19 14.15
C TYR A 22 1.48 18.38 12.78
N GLU A 23 2.24 19.06 11.90
CA GLU A 23 1.90 19.19 10.48
C GLU A 23 3.21 19.16 9.67
N ALA A 24 3.14 18.67 8.44
CA ALA A 24 4.31 18.58 7.58
C ALA A 24 4.77 19.96 7.14
N SER A 25 6.09 20.18 7.12
CA SER A 25 6.63 21.49 6.82
C SER A 25 7.98 21.47 6.09
N LEU A 26 8.90 20.62 6.53
CA LEU A 26 10.26 20.61 5.99
C LEU A 26 10.38 19.99 4.60
N SER A 27 11.36 20.46 3.84
CA SER A 27 11.66 19.91 2.53
C SER A 27 12.49 18.63 2.69
N VAL A 28 12.49 17.79 1.65
CA VAL A 28 13.16 16.49 1.76
C VAL A 28 14.67 16.66 1.94
N LYS A 29 15.23 17.70 1.31
CA LYS A 29 16.64 18.03 1.51
C LYS A 29 16.93 18.46 2.96
N GLU A 30 16.06 19.28 3.53
CA GLU A 30 16.21 19.66 4.93
C GLU A 30 16.09 18.45 5.86
N VAL A 31 15.17 17.54 5.53
CA VAL A 31 15.00 16.31 6.31
C VAL A 31 16.29 15.50 6.38
N LEU A 32 16.98 15.38 5.24
CA LEU A 32 18.25 14.67 5.18
C LEU A 32 19.33 15.34 6.02
N ASP A 33 19.43 16.66 5.96
CA ASP A 33 20.40 17.39 6.75
C ASP A 33 20.16 17.22 8.25
N ILE A 34 18.93 17.51 8.69
CA ILE A 34 18.55 17.37 10.10
C ILE A 34 18.74 15.95 10.64
N ALA A 35 18.44 14.94 9.83
CA ALA A 35 18.62 13.56 10.21
C ALA A 35 20.10 13.15 10.25
N GLY A 36 20.98 14.04 9.79
CA GLY A 36 22.42 13.83 9.88
C GLY A 36 23.05 12.95 8.81
N ILE A 37 22.48 12.97 7.61
CA ILE A 37 22.95 12.14 6.51
C ILE A 37 23.90 12.90 5.59
N LYS A 38 25.04 12.30 5.28
CA LYS A 38 26.04 12.94 4.43
C LYS A 38 26.46 12.02 3.28
N ASP A 39 26.34 10.72 3.49
CA ASP A 39 26.72 9.77 2.45
C ASP A 39 25.76 9.88 1.27
N CYS A 40 25.59 11.10 0.78
CA CYS A 40 24.65 11.36 -0.31
C CYS A 40 25.23 12.37 -1.30
N GLU A 41 26.46 12.15 -1.72
CA GLU A 41 27.12 13.06 -2.65
C GLU A 41 26.28 13.31 -3.90
N ASP A 42 25.98 12.25 -4.62
CA ASP A 42 25.22 12.36 -5.86
C ASP A 42 23.74 12.09 -5.63
N CYS A 43 23.11 12.96 -4.86
CA CYS A 43 21.68 12.82 -4.57
C CYS A 43 20.91 14.01 -5.06
N ASP A 44 19.92 13.76 -5.90
CA ASP A 44 19.03 14.80 -6.36
C ASP A 44 17.79 14.85 -5.48
N PHE A 45 17.19 16.03 -5.38
CA PHE A 45 16.09 16.23 -4.47
C PHE A 45 14.91 16.86 -5.18
N LEU A 46 13.72 16.32 -4.90
CA LEU A 46 12.50 16.86 -5.47
C LEU A 46 11.37 16.83 -4.45
N ASP A 47 10.73 17.98 -4.23
CA ASP A 47 9.55 18.02 -3.37
C ASP A 47 8.26 17.99 -4.18
N LEU A 48 7.60 16.84 -4.17
CA LEU A 48 6.37 16.65 -4.91
C LEU A 48 5.14 17.11 -4.10
N LYS A 49 5.04 16.64 -2.87
CA LYS A 49 4.01 17.10 -1.94
C LYS A 49 4.65 17.39 -0.58
N ASN A 50 3.92 18.08 0.28
CA ASN A 50 4.41 18.29 1.64
C ASN A 50 3.25 18.26 2.63
N VAL A 51 2.69 17.07 2.85
CA VAL A 51 1.48 16.96 3.64
C VAL A 51 1.55 15.80 4.65
N ASP A 52 0.77 15.93 5.73
CA ASP A 52 0.41 14.80 6.56
C ASP A 52 -0.24 13.77 5.63
N SER A 53 0.27 12.53 5.63
CA SER A 53 -0.20 11.53 4.67
C SER A 53 -1.70 11.19 4.83
N THR A 54 -2.32 11.59 5.94
CA THR A 54 -3.78 11.53 6.06
C THR A 54 -4.46 12.32 4.92
N LEU A 55 -3.74 13.28 4.34
CA LEU A 55 -4.32 14.14 3.31
C LEU A 55 -4.17 13.59 1.88
N ILE A 56 -3.36 12.55 1.71
CA ILE A 56 -3.11 11.97 0.37
C ILE A 56 -4.40 11.55 -0.33
N GLN A 57 -4.52 11.94 -1.60
CA GLN A 57 -5.65 11.57 -2.45
C GLN A 57 -5.17 10.67 -3.58
N PRO A 58 -6.11 9.97 -4.24
CA PRO A 58 -5.73 9.16 -5.40
C PRO A 58 -5.02 9.93 -6.51
N GLU A 59 -5.34 11.19 -6.75
CA GLU A 59 -4.63 11.96 -7.77
C GLU A 59 -3.14 12.17 -7.46
N ASP A 60 -2.79 12.20 -6.17
CA ASP A 60 -1.39 12.27 -5.76
C ASP A 60 -0.64 11.02 -6.16
N TRP A 61 -1.37 9.90 -6.26
CA TRP A 61 -0.76 8.65 -6.70
C TRP A 61 -0.42 8.78 -8.17
N VAL A 62 -1.34 9.36 -8.93
CA VAL A 62 -1.11 9.64 -10.33
C VAL A 62 0.13 10.52 -10.51
N ASP A 63 0.18 11.65 -9.79
CA ASP A 63 1.32 12.56 -9.89
C ASP A 63 2.65 11.89 -9.53
N LEU A 64 2.64 11.06 -8.49
CA LEU A 64 3.86 10.40 -8.06
C LEU A 64 4.30 9.32 -9.06
N ALA A 65 3.33 8.52 -9.52
CA ALA A 65 3.62 7.47 -10.50
C ALA A 65 4.26 8.03 -11.78
N GLU A 66 3.65 9.07 -12.34
CA GLU A 66 4.20 9.83 -13.47
C GLU A 66 5.63 10.29 -13.21
N THR A 67 5.86 10.93 -12.06
CA THR A 67 7.20 11.42 -11.70
C THR A 67 8.22 10.28 -11.61
N LEU A 68 7.82 9.14 -11.05
CA LEU A 68 8.73 8.01 -10.94
C LEU A 68 9.12 7.50 -12.32
N TYR A 69 8.13 7.39 -13.20
CA TYR A 69 8.33 6.83 -14.52
C TYR A 69 9.25 7.72 -15.35
N LYS A 70 9.12 9.04 -15.18
CA LYS A 70 9.95 9.98 -15.91
C LYS A 70 11.41 9.90 -15.45
N ASN A 71 11.63 9.34 -14.26
CA ASN A 71 12.96 9.32 -13.66
C ASN A 71 13.65 7.95 -13.49
N VAL A 72 12.98 6.85 -13.86
CA VAL A 72 13.59 5.52 -13.69
C VAL A 72 14.82 5.26 -14.58
N LYS A 73 14.94 5.97 -15.69
CA LYS A 73 16.10 5.81 -16.57
C LYS A 73 17.28 6.66 -16.08
N LYS A 74 16.98 7.82 -15.50
CA LYS A 74 18.02 8.78 -15.10
C LYS A 74 18.76 8.36 -13.84
N TYR A 75 18.10 7.60 -12.96
CA TYR A 75 18.69 7.27 -11.67
C TYR A 75 18.88 5.79 -11.45
N ASP A 76 19.77 5.46 -10.51
CA ASP A 76 20.03 4.08 -10.13
C ASP A 76 19.07 3.60 -9.05
N GLY A 77 18.46 4.55 -8.35
CA GLY A 77 17.52 4.24 -7.31
C GLY A 77 16.71 5.47 -6.96
N ILE A 78 15.47 5.26 -6.52
CA ILE A 78 14.64 6.36 -6.08
C ILE A 78 14.10 6.12 -4.68
N ILE A 79 14.20 7.14 -3.83
CA ILE A 79 13.65 7.09 -2.49
C ILE A 79 12.51 8.08 -2.37
N VAL A 80 11.39 7.64 -1.80
CA VAL A 80 10.27 8.53 -1.57
C VAL A 80 10.02 8.64 -0.08
N THR A 81 10.10 9.85 0.46
CA THR A 81 9.78 10.03 1.87
C THR A 81 8.32 10.39 1.96
N HIS A 82 7.62 9.84 2.95
CA HIS A 82 6.17 9.80 2.94
C HIS A 82 5.70 9.64 4.38
N GLY A 83 4.53 10.21 4.69
CA GLY A 83 3.88 9.97 5.96
C GLY A 83 3.51 8.51 6.15
N THR A 84 3.50 8.06 7.40
CA THR A 84 3.23 6.64 7.66
C THR A 84 1.76 6.27 7.58
N ASP A 85 0.87 7.23 7.85
CA ASP A 85 -0.57 6.96 7.84
C ASP A 85 -1.08 6.26 6.57
N THR A 86 -0.71 6.76 5.40
CA THR A 86 -1.16 6.15 4.14
C THR A 86 -0.01 5.61 3.29
N LEU A 87 1.19 5.54 3.89
CA LEU A 87 2.37 5.01 3.18
C LEU A 87 2.07 3.70 2.44
N ALA A 88 1.40 2.77 3.10
CA ALA A 88 1.13 1.46 2.51
C ALA A 88 0.16 1.51 1.36
N TYR A 89 -0.81 2.42 1.41
CA TYR A 89 -1.74 2.61 0.30
C TYR A 89 -0.97 3.11 -0.92
N THR A 90 -0.12 4.09 -0.70
CA THR A 90 0.66 4.69 -1.77
C THR A 90 1.65 3.68 -2.37
N SER A 91 2.35 2.93 -1.52
CA SER A 91 3.31 1.94 -2.01
C SER A 91 2.59 0.80 -2.75
N SER A 92 1.39 0.47 -2.29
CA SER A 92 0.59 -0.53 -2.98
C SER A 92 0.13 -0.01 -4.34
N MET A 93 -0.48 1.17 -4.38
CA MET A 93 -1.01 1.69 -5.64
C MET A 93 0.11 1.91 -6.67
N ILE A 94 1.23 2.48 -6.24
CA ILE A 94 2.36 2.70 -7.15
C ILE A 94 2.87 1.36 -7.72
N SER A 95 2.78 0.30 -6.93
CA SER A 95 3.18 -1.02 -7.42
C SER A 95 2.33 -1.51 -8.61
N PHE A 96 1.04 -1.12 -8.63
CA PHE A 96 0.17 -1.46 -9.76
C PHE A 96 0.39 -0.51 -10.93
N MET A 97 0.51 0.78 -10.64
CA MET A 97 0.64 1.81 -11.66
C MET A 97 1.97 1.78 -12.40
N LEU A 98 3.02 1.32 -11.73
CA LEU A 98 4.36 1.35 -12.30
C LEU A 98 4.97 -0.03 -12.22
N ARG A 99 4.78 -0.80 -13.28
CA ARG A 99 5.18 -2.20 -13.25
C ARG A 99 6.55 -2.40 -13.90
N ASN A 100 7.25 -3.43 -13.44
CA ASN A 100 8.65 -3.69 -13.80
C ASN A 100 9.57 -2.48 -13.84
N PRO A 101 9.61 -1.70 -12.76
CA PRO A 101 10.64 -0.65 -12.78
C PRO A 101 12.03 -1.28 -12.84
N PRO A 102 12.98 -0.62 -13.53
CA PRO A 102 14.32 -1.17 -13.69
C PRO A 102 15.22 -0.92 -12.49
N ILE A 103 14.71 -0.18 -11.50
CA ILE A 103 15.50 0.18 -10.32
C ILE A 103 14.71 -0.03 -9.02
N PRO A 104 15.41 -0.07 -7.87
CA PRO A 104 14.68 -0.03 -6.59
C PRO A 104 13.97 1.30 -6.36
N ILE A 105 12.70 1.22 -5.99
CA ILE A 105 11.94 2.39 -5.57
C ILE A 105 11.51 2.18 -4.13
N VAL A 106 12.07 2.97 -3.23
CA VAL A 106 11.96 2.69 -1.81
C VAL A 106 11.21 3.78 -1.05
N PHE A 107 10.06 3.38 -0.46
CA PHE A 107 9.28 4.28 0.36
C PHE A 107 9.75 4.22 1.80
N THR A 108 9.84 5.37 2.44
CA THR A 108 10.16 5.38 3.85
C THR A 108 9.59 6.62 4.52
N GLY A 109 9.76 6.69 5.84
CA GLY A 109 9.30 7.82 6.62
C GLY A 109 9.71 7.56 8.05
N SER A 110 9.00 8.13 9.01
CA SER A 110 9.30 7.91 10.42
C SER A 110 8.08 8.15 11.32
N MET A 111 8.12 7.52 12.49
CA MET A 111 7.09 7.70 13.51
C MET A 111 7.39 8.93 14.37
N ILE A 112 8.63 9.36 14.35
CA ILE A 112 9.09 10.47 15.17
C ILE A 112 9.79 11.46 14.24
N PRO A 113 9.41 12.74 14.32
CA PRO A 113 9.97 13.78 13.45
C PRO A 113 11.50 13.80 13.47
N ALA A 114 12.09 14.10 12.33
CA ALA A 114 13.54 14.10 12.17
C ALA A 114 14.18 15.14 13.08
N THR A 115 13.43 16.21 13.38
CA THR A 115 13.87 17.25 14.31
C THR A 115 14.17 16.68 15.71
N GLU A 116 13.36 15.71 16.15
CA GLU A 116 13.48 15.15 17.49
C GLU A 116 14.74 14.31 17.66
N GLU A 117 15.30 14.40 18.87
CA GLU A 117 16.57 13.79 19.21
C GLU A 117 16.55 12.26 19.14
N ASN A 118 15.42 11.65 19.49
CA ASN A 118 15.31 10.20 19.50
C ASN A 118 14.71 9.65 18.21
N SER A 119 14.83 10.41 17.11
CA SER A 119 14.12 10.08 15.88
C SER A 119 14.57 8.80 15.19
N ASP A 120 13.58 8.07 14.69
CA ASP A 120 13.82 6.87 13.89
C ASP A 120 14.14 7.23 12.44
N ALA A 121 14.06 8.51 12.10
CA ALA A 121 14.39 8.99 10.75
C ALA A 121 15.79 8.62 10.22
N PRO A 122 16.86 8.83 11.02
CA PRO A 122 18.20 8.52 10.48
C PRO A 122 18.33 7.05 10.11
N LEU A 123 17.93 6.14 10.99
CA LEU A 123 17.96 4.72 10.68
C LEU A 123 17.16 4.38 9.41
N ASN A 124 15.94 4.90 9.30
CA ASN A 124 15.08 4.58 8.15
C ASN A 124 15.62 5.13 6.84
N LEU A 125 16.16 6.34 6.87
CA LEU A 125 16.80 6.92 5.69
C LEU A 125 18.05 6.15 5.29
N GLN A 126 18.85 5.73 6.27
CA GLN A 126 20.02 4.91 6.02
C GLN A 126 19.63 3.61 5.31
N THR A 127 18.63 2.93 5.86
CA THR A 127 18.16 1.67 5.30
C THR A 127 17.66 1.90 3.87
N ALA A 128 16.88 2.97 3.69
CA ALA A 128 16.39 3.32 2.37
C ALA A 128 17.54 3.58 1.38
N ILE A 129 18.57 4.30 1.83
CA ILE A 129 19.71 4.59 0.95
C ILE A 129 20.48 3.32 0.59
N LYS A 130 20.77 2.49 1.58
CA LYS A 130 21.38 1.19 1.33
C LYS A 130 20.58 0.33 0.35
N PHE A 131 19.25 0.35 0.44
CA PHE A 131 18.49 -0.48 -0.48
C PHE A 131 18.36 0.16 -1.86
N ALA A 132 18.26 1.49 -1.91
CA ALA A 132 18.13 2.19 -3.19
C ALA A 132 19.39 2.05 -4.06
N THR A 133 20.51 1.71 -3.44
CA THR A 133 21.76 1.49 -4.17
C THR A 133 22.13 0.00 -4.23
N SER A 134 21.16 -0.89 -4.01
CA SER A 134 21.43 -2.33 -3.96
C SER A 134 21.32 -3.00 -5.33
N GLY A 135 20.70 -2.30 -6.29
CA GLY A 135 20.45 -2.90 -7.59
C GLY A 135 19.22 -3.80 -7.64
N ILE A 136 18.56 -4.01 -6.50
CA ILE A 136 17.38 -4.87 -6.45
C ILE A 136 16.12 -4.08 -6.83
N ARG A 137 15.60 -4.34 -8.01
CA ARG A 137 14.49 -3.56 -8.57
C ARG A 137 13.12 -3.95 -8.04
N GLY A 138 12.22 -2.97 -8.04
CA GLY A 138 10.88 -3.16 -7.52
C GLY A 138 10.47 -2.02 -6.60
N VAL A 139 9.25 -2.07 -6.08
CA VAL A 139 8.76 -1.05 -5.17
C VAL A 139 8.76 -1.59 -3.74
N TYR A 140 9.49 -0.91 -2.85
CA TYR A 140 9.67 -1.41 -1.50
C TYR A 140 9.44 -0.35 -0.43
N VAL A 141 9.34 -0.81 0.81
CA VAL A 141 9.23 0.06 1.98
C VAL A 141 10.36 -0.30 2.93
N ALA A 142 11.06 0.70 3.41
CA ALA A 142 12.13 0.51 4.39
C ALA A 142 11.67 1.12 5.71
N PHE A 143 11.73 0.36 6.80
CA PHE A 143 11.29 0.87 8.09
C PHE A 143 11.85 0.01 9.20
N ASN A 144 12.37 0.65 10.26
CA ASN A 144 12.84 -0.06 11.45
C ASN A 144 13.85 -1.17 11.11
N GLY A 145 14.75 -0.88 10.18
CA GLY A 145 15.79 -1.82 9.81
C GLY A 145 15.32 -2.95 8.90
N LYS A 146 14.08 -2.84 8.41
CA LYS A 146 13.52 -3.86 7.52
C LYS A 146 13.20 -3.30 6.15
N VAL A 147 13.32 -4.14 5.13
CA VAL A 147 12.87 -3.77 3.81
C VAL A 147 11.79 -4.79 3.41
N MET A 148 10.64 -4.26 3.03
CA MET A 148 9.46 -5.08 2.79
C MET A 148 8.93 -4.74 1.41
N LEU A 149 8.27 -5.71 0.79
CA LEU A 149 7.66 -5.46 -0.52
C LEU A 149 6.49 -4.49 -0.36
N GLY A 150 6.50 -3.42 -1.13
CA GLY A 150 5.54 -2.34 -0.96
C GLY A 150 4.08 -2.75 -0.97
N VAL A 151 3.80 -3.83 -1.71
CA VAL A 151 2.43 -4.29 -1.91
C VAL A 151 2.03 -5.34 -0.88
N ARG A 152 2.94 -5.66 0.02
CA ARG A 152 2.70 -6.61 1.11
C ARG A 152 2.90 -5.95 2.49
N THR A 153 2.87 -4.63 2.53
CA THR A 153 3.19 -3.88 3.74
C THR A 153 1.95 -3.20 4.35
N SER A 154 1.78 -3.31 5.67
CA SER A 154 0.72 -2.60 6.41
C SER A 154 1.26 -1.94 7.68
N LYS A 155 0.68 -0.80 8.05
CA LYS A 155 0.91 -0.20 9.38
C LYS A 155 0.14 -0.97 10.46
N VAL A 156 0.86 -1.51 11.44
CA VAL A 156 0.22 -2.32 12.47
C VAL A 156 0.23 -1.63 13.84
N ARG A 157 1.05 -0.58 13.99
CA ARG A 157 1.17 0.14 15.26
C ARG A 157 1.12 1.63 15.04
N THR A 158 0.46 2.36 15.94
CA THR A 158 0.31 3.79 15.77
C THR A 158 1.35 4.61 16.54
N MET A 159 1.96 4.00 17.56
CA MET A 159 2.88 4.74 18.44
C MET A 159 4.15 3.97 18.76
N SER A 160 4.62 3.15 17.83
CA SER A 160 5.86 2.39 18.03
C SER A 160 6.78 2.54 16.83
N ARG A 161 8.08 2.38 17.06
CA ARG A 161 9.06 2.43 15.98
C ARG A 161 8.84 1.36 14.93
N ASP A 162 8.55 0.14 15.39
CA ASP A 162 8.28 -0.98 14.51
C ASP A 162 6.83 -0.88 14.00
N ALA A 163 6.56 0.12 13.18
CA ALA A 163 5.19 0.46 12.84
C ALA A 163 4.65 -0.40 11.70
N PHE A 164 5.56 -0.89 10.86
CA PHE A 164 5.18 -1.60 9.64
C PHE A 164 5.62 -3.04 9.65
N GLU A 165 4.78 -3.90 9.10
CA GLU A 165 5.13 -5.30 8.93
C GLU A 165 4.83 -5.79 7.52
N SER A 166 5.57 -6.82 7.10
CA SER A 166 5.29 -7.53 5.86
C SER A 166 4.25 -8.58 6.21
N ILE A 167 3.09 -8.51 5.56
CA ILE A 167 1.95 -9.34 5.97
C ILE A 167 1.81 -10.60 5.12
N ASN A 168 2.05 -11.76 5.73
CA ASN A 168 1.92 -13.07 5.07
C ASN A 168 2.94 -13.26 3.96
N TYR A 169 4.13 -12.70 4.14
CA TYR A 169 5.07 -12.59 3.05
C TYR A 169 6.42 -12.24 3.64
N PRO A 170 7.48 -12.91 3.15
CA PRO A 170 8.81 -12.80 3.78
C PRO A 170 9.42 -11.43 3.62
N ILE A 171 10.13 -11.00 4.68
CA ILE A 171 10.98 -9.83 4.64
C ILE A 171 11.94 -9.93 3.45
N ILE A 172 12.14 -8.82 2.76
CA ILE A 172 13.08 -8.78 1.65
C ILE A 172 14.52 -8.70 2.15
N ALA A 173 14.76 -7.78 3.09
CA ALA A 173 16.09 -7.58 3.62
C ALA A 173 15.99 -6.99 5.01
N GLU A 174 17.06 -7.15 5.79
CA GLU A 174 17.06 -6.71 7.17
C GLU A 174 18.47 -6.35 7.58
N LEU A 175 18.60 -5.39 8.48
CA LEU A 175 19.90 -4.92 8.93
C LEU A 175 20.48 -5.86 9.96
N ARG A 176 21.71 -6.27 9.74
CA ARG A 176 22.50 -6.93 10.77
C ARG A 176 23.78 -6.12 10.92
N GLY A 177 23.81 -5.27 11.95
CA GLY A 177 24.86 -4.28 12.08
C GLY A 177 24.71 -3.19 11.03
N GLU A 178 25.61 -3.16 10.05
CA GLU A 178 25.51 -2.24 8.91
C GLU A 178 25.26 -3.05 7.66
N ASP A 179 25.24 -4.37 7.82
CA ASP A 179 25.03 -5.28 6.71
C ASP A 179 23.53 -5.32 6.48
N LEU A 180 23.09 -4.78 5.34
CA LEU A 180 21.75 -5.07 4.91
C LEU A 180 21.82 -6.46 4.28
N VAL A 181 21.23 -7.43 4.96
CA VAL A 181 21.25 -8.81 4.49
C VAL A 181 19.96 -9.16 3.78
N VAL A 182 20.08 -9.78 2.62
CA VAL A 182 18.92 -10.20 1.86
C VAL A 182 18.30 -11.42 2.52
N ASN A 183 16.97 -11.45 2.59
CA ASN A 183 16.25 -12.60 3.11
C ASN A 183 15.47 -13.31 2.02
N PHE A 184 14.93 -12.54 1.08
CA PHE A 184 14.06 -13.08 0.05
C PHE A 184 13.96 -12.08 -1.08
N ILE A 185 14.13 -12.55 -2.31
CA ILE A 185 13.99 -11.70 -3.49
C ILE A 185 12.72 -12.09 -4.23
N PRO A 186 11.84 -11.12 -4.48
CA PRO A 186 10.61 -11.44 -5.21
C PRO A 186 10.91 -11.92 -6.63
N LYS A 187 10.08 -12.80 -7.15
CA LYS A 187 10.34 -13.43 -8.43
C LYS A 187 9.67 -12.68 -9.58
N PHE A 188 10.24 -11.55 -9.96
CA PHE A 188 9.69 -10.74 -11.04
C PHE A 188 10.01 -11.34 -12.41
N ASN A 189 9.20 -11.01 -13.40
CA ASN A 189 9.36 -11.54 -14.75
C ASN A 189 10.07 -10.55 -15.65
N ASN A 190 10.26 -9.34 -15.16
CA ASN A 190 10.86 -8.28 -15.95
C ASN A 190 10.29 -8.20 -17.36
N GLY A 191 9.15 -7.55 -17.48
CA GLY A 191 8.59 -7.19 -18.76
C GLY A 191 9.08 -5.79 -19.04
N GLU A 192 8.37 -5.07 -19.90
CA GLU A 192 8.70 -3.70 -20.20
C GLU A 192 8.17 -2.79 -19.09
N VAL A 193 8.98 -1.80 -18.69
CA VAL A 193 8.53 -0.83 -17.69
C VAL A 193 7.19 -0.28 -18.14
N THR A 194 6.16 -0.46 -17.33
CA THR A 194 4.83 -0.08 -17.75
C THR A 194 4.18 0.91 -16.79
N LEU A 195 3.83 2.09 -17.29
CA LEU A 195 3.04 3.05 -16.55
C LEU A 195 1.55 2.82 -16.89
N ASP A 196 0.72 2.67 -15.87
CA ASP A 196 -0.71 2.52 -16.07
C ASP A 196 -1.43 3.24 -14.93
N LEU A 197 -1.84 4.47 -15.21
CA LEU A 197 -2.40 5.37 -14.21
C LEU A 197 -3.90 5.17 -14.02
N ARG A 198 -4.50 4.26 -14.79
CA ARG A 198 -5.96 4.10 -14.76
C ARG A 198 -6.43 3.51 -13.43
N HIS A 199 -7.40 4.19 -12.82
CA HIS A 199 -7.96 3.75 -11.56
C HIS A 199 -9.31 4.42 -11.36
N ASP A 200 -10.19 3.79 -10.60
CA ASP A 200 -11.41 4.45 -10.13
C ASP A 200 -11.42 4.37 -8.60
N PRO A 201 -11.35 5.54 -7.93
CA PRO A 201 -11.22 5.61 -6.48
C PRO A 201 -12.54 5.46 -5.70
N LYS A 202 -13.66 5.38 -6.40
CA LYS A 202 -14.96 5.37 -5.74
C LYS A 202 -15.29 3.96 -5.23
N VAL A 203 -14.63 3.56 -4.14
CA VAL A 203 -14.92 2.28 -3.51
C VAL A 203 -15.17 2.48 -2.02
N LEU A 204 -15.96 1.58 -1.43
CA LEU A 204 -16.33 1.69 -0.02
C LEU A 204 -15.84 0.46 0.75
N VAL A 205 -15.27 0.70 1.92
CA VAL A 205 -14.87 -0.41 2.79
C VAL A 205 -15.70 -0.42 4.07
N ILE A 206 -16.45 -1.51 4.26
CA ILE A 206 -17.33 -1.68 5.42
C ILE A 206 -16.84 -2.81 6.29
N LYS A 207 -16.73 -2.57 7.60
CA LYS A 207 -16.43 -3.66 8.52
C LYS A 207 -17.68 -4.46 8.85
N LEU A 208 -17.61 -5.76 8.62
CA LEU A 208 -18.68 -6.65 9.06
C LEU A 208 -18.79 -6.61 10.60
N ILE A 209 -20.01 -6.43 11.11
CA ILE A 209 -20.30 -6.52 12.54
C ILE A 209 -21.63 -7.27 12.77
N PRO A 210 -21.80 -7.86 13.97
CA PRO A 210 -23.05 -8.60 14.19
C PRO A 210 -24.28 -7.70 14.00
N GLY A 211 -25.24 -8.21 13.22
CA GLY A 211 -26.47 -7.50 12.92
C GLY A 211 -26.47 -6.61 11.67
N LEU A 212 -25.34 -6.48 10.98
CA LEU A 212 -25.26 -5.58 9.82
C LEU A 212 -26.25 -5.96 8.73
N SER A 213 -27.05 -4.99 8.28
CA SER A 213 -27.98 -5.28 7.19
C SER A 213 -27.44 -4.77 5.85
N GLY A 214 -28.10 -5.17 4.77
CA GLY A 214 -27.65 -4.79 3.45
C GLY A 214 -28.03 -3.40 3.00
N ASP A 215 -28.74 -2.66 3.87
CA ASP A 215 -29.31 -1.38 3.47
C ASP A 215 -28.27 -0.32 3.05
N ILE A 216 -27.13 -0.29 3.74
CA ILE A 216 -26.07 0.68 3.44
C ILE A 216 -25.34 0.29 2.15
N PHE A 217 -25.39 -0.99 1.80
CA PHE A 217 -24.80 -1.46 0.56
C PHE A 217 -25.58 -0.98 -0.65
N ARG A 218 -26.90 -1.15 -0.61
CA ARG A 218 -27.70 -0.67 -1.73
C ARG A 218 -27.71 0.85 -1.78
N ALA A 219 -27.56 1.50 -0.63
CA ALA A 219 -27.37 2.95 -0.61
C ALA A 219 -26.07 3.34 -1.32
N ALA A 220 -25.00 2.58 -1.09
CA ALA A 220 -23.72 2.84 -1.74
C ALA A 220 -23.83 2.74 -3.26
N VAL A 221 -24.51 1.69 -3.73
CA VAL A 221 -24.76 1.50 -5.16
C VAL A 221 -25.55 2.68 -5.74
N GLU A 222 -26.58 3.09 -5.03
CA GLU A 222 -27.34 4.25 -5.45
C GLU A 222 -26.48 5.51 -5.44
N LEU A 223 -25.47 5.56 -4.57
CA LEU A 223 -24.58 6.71 -4.53
C LEU A 223 -23.53 6.69 -5.65
N GLY A 224 -23.48 5.57 -6.38
CA GLY A 224 -22.57 5.46 -7.49
C GLY A 224 -21.22 4.88 -7.14
N TYR A 225 -21.09 4.32 -5.94
CA TYR A 225 -19.90 3.52 -5.61
C TYR A 225 -19.74 2.39 -6.63
N ARG A 226 -18.50 2.14 -7.01
CA ARG A 226 -18.20 1.22 -8.10
C ARG A 226 -17.68 -0.11 -7.58
N GLY A 227 -17.44 -0.16 -6.27
CA GLY A 227 -16.98 -1.39 -5.65
C GLY A 227 -17.12 -1.30 -4.14
N ILE A 228 -17.35 -2.43 -3.51
CA ILE A 228 -17.41 -2.50 -2.06
C ILE A 228 -16.46 -3.60 -1.59
N VAL A 229 -15.66 -3.27 -0.58
CA VAL A 229 -14.86 -4.26 0.14
C VAL A 229 -15.47 -4.46 1.52
N ILE A 230 -15.68 -5.72 1.90
CA ILE A 230 -16.16 -6.01 3.25
C ILE A 230 -15.07 -6.72 4.04
N GLU A 231 -14.71 -6.19 5.22
CA GLU A 231 -13.86 -6.98 6.09
C GLU A 231 -14.70 -7.93 6.94
N GLY A 232 -14.73 -9.20 6.53
CA GLY A 232 -15.46 -10.21 7.28
C GLY A 232 -14.67 -10.61 8.53
N TYR A 233 -15.19 -11.61 9.24
CA TYR A 233 -14.49 -12.17 10.39
C TYR A 233 -13.61 -13.31 9.92
N GLY A 234 -12.37 -13.34 10.40
CA GLY A 234 -11.53 -14.51 10.24
C GLY A 234 -11.34 -14.92 8.80
N ALA A 235 -11.57 -16.19 8.49
CA ALA A 235 -11.35 -16.70 7.13
C ALA A 235 -12.38 -16.20 6.10
N GLY A 236 -13.43 -15.55 6.57
CA GLY A 236 -14.37 -14.89 5.68
C GLY A 236 -15.70 -15.59 5.55
N GLY A 237 -16.74 -14.83 5.18
CA GLY A 237 -18.08 -15.38 5.05
C GLY A 237 -19.17 -14.36 5.28
N ILE A 238 -20.41 -14.75 4.98
CA ILE A 238 -21.54 -13.85 5.18
C ILE A 238 -22.57 -14.53 6.07
N PRO A 239 -23.00 -13.84 7.15
CA PRO A 239 -24.09 -14.36 7.97
C PRO A 239 -25.39 -14.42 7.18
N TYR A 240 -26.13 -15.52 7.31
CA TYR A 240 -27.44 -15.64 6.66
C TYR A 240 -28.61 -15.47 7.64
N ARG A 241 -28.34 -15.67 8.92
CA ARG A 241 -29.32 -15.41 9.98
C ARG A 241 -29.30 -13.94 10.40
N GLY A 242 -30.48 -13.38 10.64
CA GLY A 242 -30.59 -12.10 11.33
C GLY A 242 -30.68 -10.83 10.51
N SER A 243 -30.34 -10.92 9.22
CA SER A 243 -30.30 -9.73 8.37
C SER A 243 -30.63 -10.07 6.93
N ASP A 244 -30.90 -9.04 6.13
CA ASP A 244 -31.11 -9.22 4.70
C ASP A 244 -29.78 -9.09 3.96
N LEU A 245 -28.66 -9.20 4.67
CA LEU A 245 -27.35 -8.95 4.09
C LEU A 245 -26.96 -9.91 2.95
N LEU A 246 -27.09 -11.22 3.17
CA LEU A 246 -26.74 -12.20 2.15
C LEU A 246 -27.62 -12.08 0.90
N GLN A 247 -28.92 -11.88 1.14
CA GLN A 247 -29.87 -11.65 0.08
C GLN A 247 -29.53 -10.35 -0.65
N THR A 248 -29.09 -9.35 0.10
CA THR A 248 -28.70 -8.07 -0.49
C THR A 248 -27.45 -8.24 -1.36
N ILE A 249 -26.50 -9.05 -0.88
CA ILE A 249 -25.27 -9.34 -1.62
C ILE A 249 -25.57 -10.08 -2.93
N GLU A 250 -26.41 -11.12 -2.85
CA GLU A 250 -26.79 -11.90 -4.04
C GLU A 250 -27.31 -11.00 -5.17
N GLU A 251 -28.06 -9.96 -4.81
CA GLU A 251 -28.59 -9.00 -5.79
C GLU A 251 -27.54 -8.03 -6.35
N LEU A 252 -26.65 -7.54 -5.49
CA LEU A 252 -25.71 -6.50 -5.88
C LEU A 252 -24.42 -7.00 -6.53
N SER A 253 -24.05 -8.26 -6.25
CA SER A 253 -22.72 -8.75 -6.65
C SER A 253 -22.54 -8.92 -8.16
N LYS A 254 -23.62 -8.79 -8.93
CA LYS A 254 -23.52 -8.83 -10.38
C LYS A 254 -23.61 -7.43 -10.98
N GLU A 255 -23.87 -6.43 -10.13
CA GLU A 255 -23.85 -5.03 -10.56
C GLU A 255 -22.49 -4.41 -10.27
N ILE A 256 -21.92 -4.77 -9.11
CA ILE A 256 -20.62 -4.25 -8.70
C ILE A 256 -19.82 -5.32 -7.99
N PRO A 257 -18.49 -5.21 -8.03
CA PRO A 257 -17.67 -6.18 -7.29
C PRO A 257 -17.82 -6.02 -5.77
N ILE A 258 -18.04 -7.14 -5.10
CA ILE A 258 -18.06 -7.12 -3.65
C ILE A 258 -16.95 -8.03 -3.17
N VAL A 259 -15.95 -7.42 -2.54
CA VAL A 259 -14.71 -8.11 -2.20
C VAL A 259 -14.67 -8.40 -0.71
N MET A 260 -14.28 -9.63 -0.37
CA MET A 260 -14.20 -10.01 1.02
C MET A 260 -12.74 -10.11 1.48
N THR A 261 -12.40 -9.31 2.48
CA THR A 261 -11.12 -9.44 3.15
C THR A 261 -11.41 -9.72 4.62
N THR A 262 -10.41 -9.62 5.49
CA THR A 262 -10.64 -9.92 6.89
C THR A 262 -10.33 -8.75 7.82
N GLN A 263 -10.98 -8.75 8.97
CA GLN A 263 -10.72 -7.76 10.01
C GLN A 263 -9.43 -8.09 10.74
N ALA A 264 -9.06 -9.37 10.75
CA ALA A 264 -7.82 -9.76 11.42
C ALA A 264 -6.60 -9.31 10.63
N MET A 265 -5.46 -9.28 11.30
CA MET A 265 -4.24 -8.76 10.69
C MET A 265 -3.56 -9.77 9.77
N TYR A 266 -3.37 -11.01 10.23
CA TYR A 266 -2.58 -11.98 9.50
C TYR A 266 -3.35 -13.19 8.97
N ASP A 267 -2.87 -13.73 7.86
CA ASP A 267 -3.30 -15.02 7.32
C ASP A 267 -4.39 -14.94 6.23
N GLY A 268 -5.03 -13.78 6.13
CA GLY A 268 -5.99 -13.52 5.06
C GLY A 268 -7.27 -14.33 5.13
N VAL A 269 -7.93 -14.47 4.00
CA VAL A 269 -9.21 -15.18 3.95
C VAL A 269 -9.16 -16.45 3.12
N ASP A 270 -10.09 -17.36 3.40
CA ASP A 270 -10.31 -18.56 2.61
C ASP A 270 -11.79 -18.95 2.72
N LEU A 271 -12.57 -18.60 1.70
CA LEU A 271 -14.01 -18.76 1.78
C LEU A 271 -14.46 -20.19 1.51
N THR A 272 -13.55 -21.07 1.10
CA THR A 272 -13.96 -22.43 0.76
C THR A 272 -14.08 -23.27 2.02
N ARG A 273 -13.57 -22.71 3.12
CA ARG A 273 -13.31 -23.48 4.33
C ARG A 273 -14.57 -23.66 5.20
N TYR A 274 -15.38 -22.61 5.29
CA TYR A 274 -16.61 -22.69 6.08
C TYR A 274 -17.86 -22.51 5.22
N LYS A 275 -18.97 -23.07 5.70
CA LYS A 275 -20.27 -22.88 5.08
C LYS A 275 -20.62 -21.40 4.85
N VAL A 276 -20.30 -20.54 5.80
CA VAL A 276 -20.56 -19.10 5.62
C VAL A 276 -19.72 -18.52 4.48
N GLY A 277 -18.52 -19.07 4.30
CA GLY A 277 -17.67 -18.67 3.20
C GLY A 277 -18.21 -19.11 1.84
N ARG A 278 -18.55 -20.38 1.71
CA ARG A 278 -19.04 -20.92 0.45
C ARG A 278 -20.36 -20.27 0.03
N LEU A 279 -21.21 -19.96 0.99
CA LEU A 279 -22.40 -19.18 0.70
C LEU A 279 -22.04 -17.80 0.18
N ALA A 280 -21.01 -17.19 0.75
CA ALA A 280 -20.53 -15.89 0.27
C ALA A 280 -20.06 -16.00 -1.17
N LEU A 281 -19.32 -17.06 -1.49
CA LEU A 281 -18.91 -17.36 -2.86
C LEU A 281 -20.11 -17.52 -3.82
N ARG A 282 -21.09 -18.30 -3.37
CA ARG A 282 -22.31 -18.52 -4.15
C ARG A 282 -23.05 -17.22 -4.39
N ALA A 283 -23.02 -16.33 -3.40
CA ALA A 283 -23.65 -15.01 -3.50
C ALA A 283 -22.89 -14.06 -4.44
N GLY A 284 -21.71 -14.45 -4.92
CA GLY A 284 -20.97 -13.62 -5.86
C GLY A 284 -19.82 -12.81 -5.27
N VAL A 285 -19.51 -13.06 -4.00
CA VAL A 285 -18.42 -12.36 -3.33
C VAL A 285 -17.03 -12.75 -3.88
N ILE A 286 -16.17 -11.76 -4.08
CA ILE A 286 -14.81 -12.01 -4.52
C ILE A 286 -13.86 -12.05 -3.32
N PRO A 287 -13.13 -13.16 -3.15
CA PRO A 287 -12.15 -13.27 -2.06
C PRO A 287 -10.88 -12.45 -2.33
N ALA A 288 -10.28 -11.89 -1.29
CA ALA A 288 -9.06 -11.12 -1.45
C ALA A 288 -7.83 -11.95 -1.09
N GLY A 289 -8.05 -13.25 -0.88
CA GLY A 289 -6.97 -14.16 -0.50
C GLY A 289 -6.09 -13.63 0.63
N ASP A 290 -4.78 -13.64 0.42
CA ASP A 290 -3.84 -13.23 1.47
C ASP A 290 -3.35 -11.80 1.28
N MET A 291 -4.06 -11.01 0.48
CA MET A 291 -3.64 -9.63 0.25
C MET A 291 -3.80 -8.77 1.50
N THR A 292 -2.89 -7.80 1.69
CA THR A 292 -3.07 -6.77 2.71
C THR A 292 -4.35 -5.98 2.42
N LYS A 293 -4.82 -5.22 3.41
CA LYS A 293 -6.04 -4.46 3.24
C LYS A 293 -5.79 -3.32 2.28
N GLU A 294 -4.60 -2.74 2.35
CA GLU A 294 -4.20 -1.67 1.45
C GLU A 294 -4.05 -2.15 -0.02
N ALA A 295 -3.47 -3.34 -0.21
CA ALA A 295 -3.33 -3.89 -1.58
C ALA A 295 -4.71 -4.20 -2.15
N THR A 296 -5.58 -4.79 -1.32
CA THR A 296 -6.94 -5.10 -1.74
C THR A 296 -7.68 -3.85 -2.22
N VAL A 297 -7.63 -2.78 -1.44
CA VAL A 297 -8.32 -1.55 -1.81
C VAL A 297 -7.73 -0.91 -3.08
N THR A 298 -6.40 -0.80 -3.13
CA THR A 298 -5.77 -0.14 -4.27
C THR A 298 -5.88 -0.98 -5.55
N LYS A 299 -5.74 -2.30 -5.42
CA LYS A 299 -5.88 -3.18 -6.57
C LYS A 299 -7.28 -3.08 -7.15
N LEU A 300 -8.30 -3.00 -6.28
CA LEU A 300 -9.66 -2.90 -6.76
C LEU A 300 -9.87 -1.56 -7.48
N MET A 301 -9.38 -0.48 -6.89
CA MET A 301 -9.46 0.83 -7.54
C MET A 301 -8.80 0.80 -8.90
N TRP A 302 -7.64 0.16 -8.97
CA TRP A 302 -6.86 0.14 -10.19
C TRP A 302 -7.62 -0.62 -11.28
N ILE A 303 -8.08 -1.83 -10.94
CA ILE A 303 -8.87 -2.64 -11.84
C ILE A 303 -10.13 -1.91 -12.33
N LEU A 304 -10.75 -1.12 -11.46
CA LEU A 304 -11.95 -0.39 -11.85
C LEU A 304 -11.64 0.75 -12.83
N GLY A 305 -10.34 1.00 -13.02
CA GLY A 305 -9.89 1.93 -14.04
C GLY A 305 -9.79 1.22 -15.39
N HIS A 306 -10.09 -0.07 -15.41
CA HIS A 306 -9.94 -0.87 -16.62
C HIS A 306 -11.25 -1.54 -17.04
N THR A 307 -12.04 -1.97 -16.06
CA THR A 307 -13.27 -2.68 -16.35
C THR A 307 -14.31 -2.59 -15.23
N ASN A 308 -15.58 -2.63 -15.62
CA ASN A 308 -16.67 -2.71 -14.66
C ASN A 308 -17.37 -4.06 -14.72
N ASN A 309 -16.85 -4.94 -15.56
CA ASN A 309 -17.38 -6.28 -15.70
C ASN A 309 -16.98 -7.13 -14.50
N VAL A 310 -17.96 -7.57 -13.73
CA VAL A 310 -17.70 -8.19 -12.44
C VAL A 310 -16.92 -9.49 -12.60
N GLU A 311 -17.29 -10.26 -13.61
CA GLU A 311 -16.60 -11.52 -13.90
C GLU A 311 -15.11 -11.28 -14.16
N GLU A 312 -14.81 -10.29 -14.99
CA GLU A 312 -13.42 -9.96 -15.28
C GLU A 312 -12.72 -9.42 -14.04
N ILE A 313 -13.40 -8.54 -13.29
CA ILE A 313 -12.85 -8.02 -12.05
C ILE A 313 -12.50 -9.16 -11.09
N LYS A 314 -13.37 -10.15 -11.00
CA LYS A 314 -13.10 -11.33 -10.18
C LYS A 314 -11.81 -12.01 -10.63
N VAL A 315 -11.64 -12.15 -11.94
CA VAL A 315 -10.46 -12.84 -12.47
C VAL A 315 -9.17 -12.09 -12.12
N LEU A 316 -9.20 -10.77 -12.32
CA LEU A 316 -8.04 -9.94 -12.01
C LEU A 316 -7.71 -9.89 -10.50
N MET A 317 -8.73 -9.73 -9.66
CA MET A 317 -8.55 -9.77 -8.20
C MET A 317 -7.93 -11.07 -7.70
N ARG A 318 -8.21 -12.16 -8.40
CA ARG A 318 -7.69 -13.47 -8.01
C ARG A 318 -6.35 -13.74 -8.68
N LYS A 319 -5.90 -12.82 -9.52
CA LYS A 319 -4.62 -13.00 -10.20
C LYS A 319 -3.49 -12.23 -9.52
N ASN A 320 -2.37 -12.90 -9.29
CA ASN A 320 -1.18 -12.28 -8.71
C ASN A 320 -0.48 -11.37 -9.73
N LEU A 321 -0.67 -10.07 -9.59
CA LEU A 321 -0.13 -9.11 -10.53
C LEU A 321 1.33 -8.73 -10.28
N VAL A 322 1.64 -8.36 -9.03
CA VAL A 322 2.95 -7.84 -8.70
C VAL A 322 3.53 -8.40 -7.41
N GLY A 323 2.99 -9.53 -6.96
CA GLY A 323 3.47 -10.16 -5.76
C GLY A 323 2.56 -9.96 -4.55
N GLU A 324 1.42 -9.30 -4.79
CA GLU A 324 0.49 -8.96 -3.74
C GLU A 324 -0.33 -10.13 -3.21
N LEU A 325 -0.32 -11.23 -3.96
CA LEU A 325 -1.25 -12.34 -3.73
C LEU A 325 -0.60 -13.69 -4.01
N ARG A 326 -0.92 -14.68 -3.19
CA ARG A 326 -0.49 -16.05 -3.47
C ARG A 326 -1.40 -16.71 -4.51
N ASP A 327 -0.84 -17.01 -5.67
CA ASP A 327 -1.56 -17.75 -6.70
C ASP A 327 -1.37 -19.26 -6.56
P PO4 B . 2.24 10.87 9.05
O1 PO4 B . 3.69 10.43 9.06
O2 PO4 B . 1.81 11.34 7.68
O3 PO4 B . 2.08 12.04 10.01
O4 PO4 B . 1.36 9.71 9.48
C1 GOL C . -15.11 8.02 -2.11
O1 GOL C . -16.26 7.96 -1.27
C2 GOL C . -14.32 6.71 -2.18
O2 GOL C . -14.95 5.74 -1.38
C3 GOL C . -12.89 6.82 -1.63
O3 GOL C . -11.96 7.30 -2.60
C1 GOL D . 6.92 -13.35 -5.27
O1 GOL D . 6.93 -14.74 -5.04
C2 GOL D . 5.52 -12.85 -5.68
O2 GOL D . 4.50 -13.55 -5.01
C3 GOL D . 5.30 -12.92 -7.20
O3 GOL D . 6.01 -11.90 -7.90
C1 GOL E . 16.97 -9.67 -9.75
O1 GOL E . 16.83 -10.10 -11.09
C2 GOL E . 16.24 -8.33 -9.56
O2 GOL E . 17.16 -7.27 -9.75
C3 GOL E . 15.68 -8.25 -8.15
O3 GOL E . 14.27 -8.18 -8.18
O 4CS F . 3.66 0.54 -22.10
C 4CS F . 4.80 0.68 -22.59
OXT 4CS F . 5.45 -0.27 -23.06
CA 4CS F . 5.39 2.05 -22.60
CB 4CS F . 6.23 2.20 -21.34
CAD 4CS F . 5.36 1.96 -20.12
NAG 4CS F . 4.05 2.55 -20.30
CAI 4CS F . 3.86 3.34 -21.35
CAA 4CS F . 3.03 4.57 -21.19
N 4CS F . 4.35 3.06 -22.47
#